data_9JT1
#
_entry.id   9JT1
#
_cell.length_a   1.00
_cell.length_b   1.00
_cell.length_c   1.00
_cell.angle_alpha   90.00
_cell.angle_beta   90.00
_cell.angle_gamma   90.00
#
_symmetry.space_group_name_H-M   'P 1'
#
loop_
_entity.id
_entity.type
_entity.pdbx_description
1 polymer 'heavy chain of HBC'
2 polymer 'light chain of HBC'
3 polymer 'heavy chain of GC1102'
4 polymer 'light chain of GC1102'
5 polymer 'Large envelope protein'
#
loop_
_entity_poly.entity_id
_entity_poly.type
_entity_poly.pdbx_seq_one_letter_code
_entity_poly.pdbx_strand_id
1 'polypeptide(L)'
;ELQLVESGGGWVQPGGSQRLSCAASGRIFRSFYMSWVRQAPGKGLEWVATINQDGSEKLYVDSVKGRFTISRDNAKNSLF
LQMNNLRVEDTAVYYCAAWSGNSGGMDVWGQGTTVSVSSASTKGPSVFPLAPSSKSTSGGTAALGCLVKDYFPEPVTVSW
NSGALTSGVHTFPAVLQSSGLYSLSSVVTVPSSSLGTQTYICNVNHKPSNTKVDKRV
;
H
2 'polypeptide(L)'
;SYELTQPPSVSVSPGQTVSIPCSGDKLGNKNVCWFQHKPGQSPVLVIYEVKYRPSGIPERFSGSNSGNTATLTISGTQAM
DEAAYFCQTWDSTTVVFGGGTRLTVLRTVAAPSVFIFPPSDEQLKSGTASVVCLLNNFYPREAKVQWKVDNALQSGNSQE
SVTEQDSKDSTYSLSSTLTLSKADYEKHKVYACEVTHQGLSSPVTKSFNRGEC
;
L
3 'polypeptide(L)'
;EVQLVESGGGCVKPGGSLRLSCSASGFSLTKYKMTWVRQAPGKGLEWVSSISSTSRDIDYADSVKGRFTISRDNAKNSLF
LQMSSLRVDDTAVYYCTRDGWLWGWDVRSNYYYNALDVWGQGTCVTVSSASTKGPSVFPLAPSSKSTSGGTAALGCLVKD
YFCECPVTVSWNSGALTSGVHTFPAVLQSSGLYSLSSVVTVPSSSLGTQTYICNVNHKPSNTKVDKRV
;
C
4 'polypeptide(L)'
;DIVVTQSPSSLSASVGDRVTITCRASQGIYNSIAWYQQKCGKAPKLLLYSTSTLLSGVPSRFSGSGSGTDYTLTITNLQC
EDFATYYCQQYFVTPETFGQGTKLEIKRTVAAPSVFIFPPSDEQLKSGTASVVCLLNNFYPREAKVQWKVDNALQSGNSQ
ESVTCQDSKDCTYSLSSTLTLSKADYEKHKVYACEVTHQGLSSPVTKSFNRGEC
;
D
5 'polypeptide(L)'
;MENITSGFLGPLLVLQAGFFLLTRILTIPQSLDSWWTSLNFLGGTTVCLGQNSQSPTSNHSPTSCPPTCPGYRWMCLRRF
IIFLFILLLCLIFLLVLLDYQGMLPVCPLIPGSSTTSTGPCRTCMTTAQGTSMYPSCCCTKPSDGNCTCIPIPSSWAFGK
FLWEWASARFSWLSLLVPFVQWFVGLSPTVWLSVIWMMWYWGPSLYSILSPFLPLLPIFFCLWVYI
;
A,B
#
# COMPACT_ATOMS: atom_id res chain seq x y z
N GLU A 1 -24.44 -13.05 -1.61
CA GLU A 1 -23.48 -11.97 -1.47
C GLU A 1 -23.11 -11.74 -0.01
N LEU A 2 -22.73 -10.51 0.33
CA LEU A 2 -22.39 -10.13 1.69
C LEU A 2 -23.40 -9.10 2.18
N GLN A 3 -23.94 -9.31 3.37
CA GLN A 3 -24.96 -8.45 3.95
C GLN A 3 -24.50 -7.96 5.31
N LEU A 4 -24.60 -6.67 5.53
CA LEU A 4 -24.17 -6.02 6.76
C LEU A 4 -25.38 -5.44 7.48
N VAL A 5 -25.43 -5.62 8.80
CA VAL A 5 -26.55 -5.12 9.61
C VAL A 5 -25.97 -4.32 10.77
N GLU A 6 -26.37 -3.06 10.89
CA GLU A 6 -25.90 -2.20 11.96
C GLU A 6 -26.85 -2.25 13.15
N SER A 7 -26.27 -2.12 14.35
CA SER A 7 -27.03 -2.14 15.58
C SER A 7 -26.27 -1.34 16.63
N GLY A 8 -26.97 -0.99 17.71
CA GLY A 8 -26.39 -0.23 18.78
C GLY A 8 -26.52 1.27 18.65
N GLY A 9 -27.18 1.77 17.61
CA GLY A 9 -27.40 3.19 17.46
C GLY A 9 -28.65 3.63 18.19
N GLY A 10 -28.52 4.75 18.92
CA GLY A 10 -29.63 5.25 19.68
C GLY A 10 -29.27 6.55 20.37
N TRP A 11 -30.23 7.04 21.17
CA TRP A 11 -30.04 8.29 21.88
C TRP A 11 -28.92 8.17 22.92
N VAL A 12 -28.17 9.26 23.06
CA VAL A 12 -27.08 9.31 24.04
C VAL A 12 -26.83 10.77 24.38
N GLN A 13 -26.58 11.03 25.67
CA GLN A 13 -26.34 12.39 26.11
C GLN A 13 -25.01 12.91 25.54
N PRO A 14 -24.92 14.22 25.30
CA PRO A 14 -23.66 14.78 24.78
C PRO A 14 -22.51 14.49 25.73
N GLY A 15 -21.35 14.16 25.15
CA GLY A 15 -20.22 13.72 25.92
C GLY A 15 -20.28 12.27 26.36
N GLY A 16 -21.30 11.52 25.94
CA GLY A 16 -21.45 10.14 26.32
C GLY A 16 -20.62 9.22 25.42
N SER A 17 -21.04 7.96 25.37
CA SER A 17 -20.32 6.97 24.59
C SER A 17 -21.31 5.98 23.98
N GLN A 18 -20.92 5.40 22.86
CA GLN A 18 -21.71 4.40 22.16
C GLN A 18 -20.78 3.35 21.56
N ARG A 19 -21.35 2.21 21.20
CA ARG A 19 -20.60 1.15 20.51
C ARG A 19 -21.51 0.59 19.43
N LEU A 20 -21.29 1.05 18.19
CA LEU A 20 -22.09 0.57 17.07
C LEU A 20 -21.47 -0.71 16.51
N SER A 21 -22.28 -1.76 16.40
CA SER A 21 -21.81 -3.06 15.96
C SER A 21 -22.44 -3.40 14.61
N CYS A 22 -21.61 -3.81 13.67
CA CYS A 22 -22.04 -4.15 12.31
C CYS A 22 -21.78 -5.64 12.12
N ALA A 23 -22.85 -6.43 12.13
CA ALA A 23 -22.75 -7.88 11.97
C ALA A 23 -22.83 -8.22 10.49
N ALA A 24 -21.86 -8.99 10.02
CA ALA A 24 -21.84 -9.45 8.63
C ALA A 24 -22.52 -10.81 8.51
N SER A 25 -22.78 -11.21 7.28
CA SER A 25 -23.46 -12.49 7.02
C SER A 25 -22.64 -13.34 6.06
N GLY A 26 -21.35 -13.44 6.29
CA GLY A 26 -20.51 -14.25 5.44
C GLY A 26 -19.09 -14.28 5.97
N ARG A 27 -18.33 -15.27 5.49
CA ARG A 27 -16.93 -15.41 5.86
C ARG A 27 -16.02 -14.57 4.98
N ILE A 28 -16.55 -13.98 3.91
CA ILE A 28 -15.76 -13.07 3.07
C ILE A 28 -15.56 -11.73 3.73
N PHE A 29 -16.30 -11.44 4.82
CA PHE A 29 -16.13 -10.20 5.56
C PHE A 29 -14.68 -10.00 5.97
N ARG A 30 -13.98 -11.08 6.30
CA ARG A 30 -12.60 -10.99 6.75
C ARG A 30 -11.63 -10.55 5.66
N SER A 31 -12.05 -10.55 4.40
CA SER A 31 -11.17 -10.23 3.29
C SER A 31 -11.36 -8.80 2.77
N PHE A 32 -12.14 -7.99 3.46
CA PHE A 32 -12.52 -6.67 2.97
C PHE A 32 -12.10 -5.58 3.93
N TYR A 33 -11.71 -4.43 3.38
CA TYR A 33 -11.65 -3.21 4.18
C TYR A 33 -13.05 -2.85 4.64
N MET A 34 -13.17 -2.49 5.92
CA MET A 34 -14.46 -2.16 6.50
C MET A 34 -14.44 -0.71 6.96
N SER A 35 -15.39 0.07 6.47
CA SER A 35 -15.43 1.49 6.78
C SER A 35 -16.77 1.86 7.41
N TRP A 36 -16.76 2.93 8.19
CA TRP A 36 -17.96 3.54 8.74
C TRP A 36 -18.14 4.90 8.10
N VAL A 37 -19.32 5.15 7.55
CA VAL A 37 -19.66 6.39 6.88
C VAL A 37 -20.98 6.89 7.46
N ARG A 38 -21.03 8.16 7.84
CA ARG A 38 -22.21 8.71 8.45
C ARG A 38 -22.89 9.72 7.53
N GLN A 39 -24.21 9.80 7.64
CA GLN A 39 -25.02 10.81 6.96
C GLN A 39 -25.78 11.58 8.02
N ALA A 40 -25.38 12.84 8.24
CA ALA A 40 -26.07 13.66 9.23
C ALA A 40 -27.41 14.12 8.69
N PRO A 41 -28.39 14.37 9.57
CA PRO A 41 -29.69 14.85 9.09
C PRO A 41 -29.56 16.20 8.42
N GLY A 42 -30.09 16.31 7.21
CA GLY A 42 -30.00 17.53 6.44
C GLY A 42 -28.67 17.74 5.74
N LYS A 43 -27.78 16.77 5.77
CA LYS A 43 -26.49 16.86 5.10
C LYS A 43 -26.20 15.56 4.36
N GLY A 44 -25.12 15.57 3.58
CA GLY A 44 -24.76 14.42 2.78
C GLY A 44 -23.91 13.41 3.54
N LEU A 45 -23.44 12.42 2.80
CA LEU A 45 -22.61 11.37 3.38
C LEU A 45 -21.28 11.95 3.85
N GLU A 46 -20.78 11.43 4.96
CA GLU A 46 -19.49 11.84 5.50
C GLU A 46 -18.76 10.61 6.02
N TRP A 47 -17.56 10.39 5.50
CA TRP A 47 -16.75 9.27 5.95
C TRP A 47 -16.34 9.45 7.41
N VAL A 48 -16.26 8.33 8.13
CA VAL A 48 -15.91 8.37 9.55
C VAL A 48 -14.62 7.60 9.79
N ALA A 49 -14.60 6.32 9.41
CA ALA A 49 -13.45 5.49 9.75
C ALA A 49 -13.27 4.41 8.71
N THR A 50 -12.08 3.80 8.72
CA THR A 50 -11.75 2.68 7.83
C THR A 50 -10.72 1.80 8.52
N ILE A 51 -10.89 0.49 8.38
CA ILE A 51 -10.00 -0.50 8.99
C ILE A 51 -9.71 -1.58 7.96
N ASN A 52 -8.45 -2.01 7.91
CA ASN A 52 -8.05 -3.03 6.93
C ASN A 52 -8.51 -4.41 7.39
N GLN A 53 -8.09 -5.43 6.63
CA GLN A 53 -8.54 -6.79 6.92
C GLN A 53 -8.02 -7.28 8.26
N ASP A 54 -6.74 -7.05 8.55
CA ASP A 54 -6.16 -7.54 9.78
C ASP A 54 -6.45 -6.65 10.98
N GLY A 55 -6.94 -5.42 10.74
CA GLY A 55 -7.18 -4.50 11.83
C GLY A 55 -5.97 -3.72 12.27
N SER A 56 -4.84 -3.85 11.58
CA SER A 56 -3.62 -3.15 11.95
C SER A 56 -3.52 -1.75 11.38
N GLU A 57 -4.43 -1.37 10.47
CA GLU A 57 -4.43 -0.05 9.84
C GLU A 57 -5.81 0.56 10.03
N LYS A 58 -5.92 1.49 10.98
CA LYS A 58 -7.17 2.16 11.27
C LYS A 58 -7.03 3.63 10.91
N LEU A 59 -7.97 4.13 10.11
CA LEU A 59 -7.96 5.51 9.64
C LEU A 59 -9.26 6.18 10.05
N TYR A 60 -9.16 7.43 10.51
CA TYR A 60 -10.32 8.19 10.95
C TYR A 60 -10.34 9.56 10.29
N VAL A 61 -11.53 10.13 10.19
CA VAL A 61 -11.69 11.50 9.72
C VAL A 61 -11.25 12.42 10.85
N ASP A 62 -10.84 13.64 10.51
CA ASP A 62 -10.34 14.58 11.52
C ASP A 62 -11.40 15.01 12.52
N SER A 63 -12.69 14.90 12.16
CA SER A 63 -13.74 15.32 13.08
C SER A 63 -13.83 14.39 14.29
N VAL A 64 -13.60 13.10 14.09
CA VAL A 64 -13.69 12.12 15.16
C VAL A 64 -12.32 11.53 15.50
N LYS A 65 -11.25 12.26 15.20
CA LYS A 65 -9.90 11.76 15.44
C LYS A 65 -9.67 11.62 16.94
N GLY A 66 -9.36 10.40 17.37
CA GLY A 66 -9.12 10.14 18.78
C GLY A 66 -10.37 9.80 19.56
N ARG A 67 -11.50 10.42 19.19
CA ARG A 67 -12.74 10.15 19.89
C ARG A 67 -13.32 8.79 19.50
N PHE A 68 -13.17 8.40 18.24
CA PHE A 68 -13.71 7.14 17.75
C PHE A 68 -12.61 6.10 17.62
N THR A 69 -13.02 4.83 17.69
CA THR A 69 -12.10 3.71 17.56
C THR A 69 -12.81 2.59 16.80
N ILE A 70 -12.32 2.25 15.62
CA ILE A 70 -12.91 1.21 14.79
C ILE A 70 -12.09 -0.06 14.94
N SER A 71 -12.76 -1.18 15.20
CA SER A 71 -12.08 -2.45 15.41
C SER A 71 -13.00 -3.58 14.97
N ARG A 72 -12.41 -4.62 14.40
CA ARG A 72 -13.18 -5.70 13.82
C ARG A 72 -12.83 -7.04 14.46
N ASP A 73 -13.85 -7.87 14.66
CA ASP A 73 -13.68 -9.26 15.08
C ASP A 73 -13.93 -10.12 13.84
N ASN A 74 -12.84 -10.52 13.19
CA ASN A 74 -12.95 -11.35 12.00
C ASN A 74 -13.50 -12.73 12.33
N ALA A 75 -13.12 -13.29 13.48
CA ALA A 75 -13.65 -14.60 13.87
C ALA A 75 -15.16 -14.54 14.08
N LYS A 76 -15.65 -13.46 14.71
CA LYS A 76 -17.07 -13.27 14.92
C LYS A 76 -17.76 -12.60 13.74
N ASN A 77 -16.99 -12.13 12.75
CA ASN A 77 -17.53 -11.44 11.58
C ASN A 77 -18.35 -10.22 12.00
N SER A 78 -17.69 -9.31 12.72
CA SER A 78 -18.35 -8.09 13.17
C SER A 78 -17.37 -6.93 13.09
N LEU A 79 -17.93 -5.72 12.97
CA LEU A 79 -17.17 -4.49 12.84
C LEU A 79 -17.75 -3.46 13.81
N PHE A 80 -17.01 -3.13 14.85
CA PHE A 80 -17.48 -2.22 15.87
C PHE A 80 -16.82 -0.86 15.73
N LEU A 81 -17.59 0.18 16.01
CA LEU A 81 -17.10 1.55 16.12
C LEU A 81 -17.46 2.04 17.52
N GLN A 82 -16.45 2.23 18.36
CA GLN A 82 -16.64 2.75 19.70
C GLN A 82 -16.49 4.27 19.64
N MET A 83 -17.58 4.97 19.92
CA MET A 83 -17.59 6.43 19.94
C MET A 83 -17.46 6.88 21.39
N ASN A 84 -16.40 7.62 21.69
CA ASN A 84 -16.16 8.15 23.02
C ASN A 84 -16.21 9.67 22.98
N ASN A 85 -16.82 10.27 24.00
CA ASN A 85 -17.00 11.72 24.09
C ASN A 85 -17.72 12.25 22.84
N LEU A 86 -18.95 11.77 22.66
CA LEU A 86 -19.75 12.16 21.51
C LEU A 86 -20.12 13.64 21.59
N ARG A 87 -20.57 14.17 20.46
CA ARG A 87 -20.87 15.59 20.36
C ARG A 87 -22.23 15.75 19.69
N VAL A 88 -22.77 16.98 19.77
CA VAL A 88 -24.09 17.24 19.21
C VAL A 88 -24.10 17.04 17.70
N GLU A 89 -22.96 17.27 17.03
CA GLU A 89 -22.89 17.14 15.58
C GLU A 89 -22.62 15.71 15.14
N ASP A 90 -22.47 14.76 16.08
CA ASP A 90 -22.30 13.36 15.73
C ASP A 90 -23.63 12.65 15.51
N THR A 91 -24.75 13.35 15.67
CA THR A 91 -26.04 12.77 15.32
C THR A 91 -26.09 12.51 13.81
N ALA A 92 -26.26 11.24 13.44
CA ALA A 92 -26.24 10.86 12.04
C ALA A 92 -26.70 9.42 11.92
N VAL A 93 -27.02 9.02 10.69
CA VAL A 93 -27.25 7.62 10.37
C VAL A 93 -25.91 7.03 9.92
N TYR A 94 -25.40 6.06 10.67
CA TYR A 94 -24.12 5.45 10.39
C TYR A 94 -24.33 4.15 9.61
N TYR A 95 -23.58 3.99 8.53
CA TYR A 95 -23.58 2.78 7.72
C TYR A 95 -22.19 2.17 7.74
N CYS A 96 -22.13 0.86 7.86
CA CYS A 96 -20.89 0.13 7.61
C CYS A 96 -20.84 -0.28 6.14
N ALA A 97 -19.65 -0.17 5.57
CA ALA A 97 -19.47 -0.40 4.15
C ALA A 97 -18.28 -1.33 3.96
N ALA A 98 -18.39 -2.18 2.96
CA ALA A 98 -17.38 -3.19 2.69
C ALA A 98 -16.74 -2.89 1.35
N TRP A 99 -15.42 -2.75 1.33
CA TRP A 99 -14.69 -2.51 0.08
C TRP A 99 -14.47 -3.87 -0.58
N SER A 100 -15.50 -4.35 -1.27
CA SER A 100 -15.44 -5.66 -1.89
C SER A 100 -14.39 -5.70 -2.99
N GLY A 101 -13.88 -6.89 -3.25
CA GLY A 101 -12.88 -7.07 -4.28
C GLY A 101 -13.41 -7.06 -5.70
N ASN A 102 -14.73 -7.01 -5.87
CA ASN A 102 -15.34 -6.92 -7.19
C ASN A 102 -15.73 -5.49 -7.55
N SER A 103 -15.28 -4.51 -6.78
CA SER A 103 -15.50 -3.10 -7.10
C SER A 103 -14.37 -2.28 -6.50
N GLY A 104 -14.13 -1.12 -7.09
CA GLY A 104 -13.13 -0.19 -6.64
C GLY A 104 -13.56 0.73 -5.52
N GLY A 105 -14.82 0.63 -5.10
CA GLY A 105 -15.32 1.40 -3.98
C GLY A 105 -16.01 0.52 -2.96
N MET A 106 -16.79 1.10 -2.06
CA MET A 106 -17.53 0.34 -1.06
C MET A 106 -18.92 0.06 -1.62
N ASP A 107 -19.11 -1.14 -2.17
CA ASP A 107 -20.34 -1.51 -2.85
C ASP A 107 -21.27 -2.34 -1.98
N VAL A 108 -20.89 -2.62 -0.74
CA VAL A 108 -21.74 -3.32 0.21
C VAL A 108 -22.03 -2.37 1.37
N TRP A 109 -23.31 -2.15 1.65
CA TRP A 109 -23.72 -1.22 2.69
C TRP A 109 -24.78 -1.88 3.57
N GLY A 110 -24.87 -1.39 4.80
CA GLY A 110 -25.88 -1.83 5.74
C GLY A 110 -27.05 -0.86 5.83
N GLN A 111 -28.05 -1.26 6.61
CA GLN A 111 -29.23 -0.43 6.78
C GLN A 111 -28.89 0.91 7.42
N GLY A 112 -28.05 0.90 8.44
CA GLY A 112 -27.64 2.11 9.12
C GLY A 112 -28.34 2.24 10.46
N THR A 113 -27.68 2.90 11.39
CA THR A 113 -28.22 3.13 12.73
C THR A 113 -28.23 4.62 13.02
N THR A 114 -29.36 5.11 13.54
CA THR A 114 -29.57 6.54 13.73
C THR A 114 -29.09 6.93 15.12
N VAL A 115 -27.81 7.30 15.22
CA VAL A 115 -27.27 7.82 16.47
C VAL A 115 -27.75 9.24 16.67
N SER A 116 -28.38 9.51 17.81
CA SER A 116 -28.96 10.80 18.12
C SER A 116 -28.34 11.31 19.42
N VAL A 117 -27.23 12.03 19.29
CA VAL A 117 -26.50 12.55 20.45
C VAL A 117 -27.05 13.95 20.74
N SER A 118 -27.95 14.04 21.72
CA SER A 118 -28.50 15.31 22.13
C SER A 118 -29.05 15.18 23.55
N SER A 119 -29.26 16.33 24.18
CA SER A 119 -29.79 16.37 25.53
C SER A 119 -31.30 16.21 25.54
N TYR B 2 -9.48 19.45 1.71
CA TYR B 2 -9.88 19.06 0.38
C TYR B 2 -11.40 19.09 0.25
N GLU B 3 -11.90 19.73 -0.81
CA GLU B 3 -13.34 19.96 -0.96
C GLU B 3 -13.76 19.54 -2.36
N LEU B 4 -14.86 18.78 -2.45
CA LEU B 4 -15.48 18.42 -3.71
C LEU B 4 -16.75 19.25 -3.86
N THR B 5 -16.87 19.96 -4.97
CA THR B 5 -17.96 20.90 -5.21
C THR B 5 -18.92 20.31 -6.22
N GLN B 6 -20.17 20.13 -5.80
CA GLN B 6 -21.25 19.64 -6.64
C GLN B 6 -22.38 20.66 -6.67
N PRO B 7 -23.18 20.67 -7.74
CA PRO B 7 -24.41 21.46 -7.73
C PRO B 7 -25.37 20.95 -6.68
N PRO B 8 -26.12 21.82 -6.03
CA PRO B 8 -27.08 21.35 -5.02
C PRO B 8 -28.14 20.43 -5.60
N SER B 9 -28.58 20.67 -6.84
CA SER B 9 -29.59 19.85 -7.48
C SER B 9 -29.59 20.14 -8.98
N VAL B 10 -30.03 19.15 -9.75
CA VAL B 10 -30.15 19.29 -11.20
C VAL B 10 -31.53 18.82 -11.63
N SER B 11 -31.97 19.30 -12.79
CA SER B 11 -33.30 19.01 -13.32
C SER B 11 -33.18 18.07 -14.51
N VAL B 12 -34.06 17.07 -14.55
CA VAL B 12 -34.06 16.08 -15.62
C VAL B 12 -35.46 16.01 -16.21
N SER B 13 -35.51 15.86 -17.54
CA SER B 13 -36.76 15.55 -18.21
C SER B 13 -37.08 14.09 -17.95
N PRO B 14 -38.33 13.64 -18.16
CA PRO B 14 -38.66 12.24 -17.84
C PRO B 14 -37.85 11.21 -18.59
N GLY B 15 -37.23 11.57 -19.72
CA GLY B 15 -36.42 10.61 -20.45
C GLY B 15 -35.16 11.17 -21.06
N GLN B 16 -34.65 12.28 -20.52
CA GLN B 16 -33.50 12.97 -21.07
C GLN B 16 -32.23 12.55 -20.33
N THR B 17 -31.09 13.00 -20.86
CA THR B 17 -29.79 12.71 -20.29
C THR B 17 -29.27 13.92 -19.54
N VAL B 18 -28.63 13.68 -18.39
CA VAL B 18 -28.07 14.76 -17.58
C VAL B 18 -26.65 14.38 -17.17
N SER B 19 -25.90 15.38 -16.74
CA SER B 19 -24.51 15.20 -16.31
C SER B 19 -24.30 15.92 -15.00
N ILE B 20 -24.09 15.17 -13.93
CA ILE B 20 -23.78 15.73 -12.61
C ILE B 20 -22.28 15.99 -12.55
N PRO B 21 -21.85 17.25 -12.43
CA PRO B 21 -20.43 17.54 -12.31
C PRO B 21 -19.94 17.38 -10.88
N CYS B 22 -18.62 17.40 -10.73
CA CYS B 22 -17.99 17.26 -9.41
C CYS B 22 -16.63 17.96 -9.51
N SER B 23 -16.56 19.16 -8.96
CA SER B 23 -15.31 19.92 -8.99
C SER B 23 -14.37 19.41 -7.90
N GLY B 24 -13.10 19.76 -8.06
CA GLY B 24 -12.10 19.37 -7.08
C GLY B 24 -10.75 19.94 -7.47
N ASP B 25 -9.78 19.73 -6.59
CA ASP B 25 -8.40 20.17 -6.81
C ASP B 25 -7.62 19.00 -7.38
N LYS B 26 -7.32 19.06 -8.67
CA LYS B 26 -6.59 18.01 -9.37
C LYS B 26 -7.32 16.67 -9.28
N LEU B 27 -8.58 16.67 -9.73
CA LEU B 27 -9.36 15.43 -9.79
C LEU B 27 -8.93 14.53 -10.95
N GLY B 28 -8.13 15.03 -11.88
CA GLY B 28 -7.65 14.20 -12.98
C GLY B 28 -6.65 13.15 -12.54
N ASN B 29 -6.06 13.32 -11.36
CA ASN B 29 -5.09 12.36 -10.81
C ASN B 29 -5.67 11.56 -9.65
N LYS B 30 -6.99 11.44 -9.58
CA LYS B 30 -7.64 10.74 -8.48
C LYS B 30 -8.76 9.86 -9.03
N ASN B 31 -9.10 8.82 -8.27
CA ASN B 31 -10.23 7.95 -8.57
C ASN B 31 -11.47 8.53 -7.91
N VAL B 32 -12.54 8.69 -8.69
CA VAL B 32 -13.79 9.28 -8.22
C VAL B 32 -14.88 8.22 -8.30
N CYS B 33 -15.42 7.84 -7.15
CA CYS B 33 -16.52 6.88 -7.09
C CYS B 33 -17.83 7.62 -6.90
N TRP B 34 -18.84 7.25 -7.67
CA TRP B 34 -20.16 7.86 -7.62
C TRP B 34 -21.14 6.91 -6.97
N PHE B 35 -21.84 7.41 -5.95
CA PHE B 35 -22.84 6.66 -5.20
C PHE B 35 -24.23 7.20 -5.50
N GLN B 36 -25.24 6.46 -5.04
CA GLN B 36 -26.64 6.83 -5.23
C GLN B 36 -27.37 6.58 -3.92
N HIS B 37 -27.69 7.65 -3.19
CA HIS B 37 -28.31 7.53 -1.88
C HIS B 37 -29.76 7.99 -1.97
N LYS B 38 -30.65 7.07 -2.29
CA LYS B 38 -32.07 7.36 -2.25
C LYS B 38 -32.49 7.61 -0.80
N PRO B 39 -33.43 8.52 -0.56
CA PRO B 39 -33.87 8.77 0.83
C PRO B 39 -34.47 7.54 1.48
N GLY B 40 -33.99 7.21 2.68
CA GLY B 40 -34.47 6.05 3.40
C GLY B 40 -33.83 4.74 3.02
N GLN B 41 -32.85 4.75 2.14
CA GLN B 41 -32.17 3.53 1.71
C GLN B 41 -30.66 3.73 1.81
N SER B 42 -29.95 2.61 1.95
CA SER B 42 -28.50 2.66 2.03
C SER B 42 -27.92 3.11 0.70
N PRO B 43 -26.77 3.79 0.72
CA PRO B 43 -26.14 4.23 -0.53
C PRO B 43 -25.79 3.05 -1.42
N VAL B 44 -25.93 3.27 -2.72
CA VAL B 44 -25.64 2.25 -3.73
C VAL B 44 -24.48 2.75 -4.57
N LEU B 45 -23.39 1.98 -4.61
CA LEU B 45 -22.28 2.34 -5.46
C LEU B 45 -22.70 2.25 -6.92
N VAL B 46 -22.50 3.34 -7.66
CA VAL B 46 -22.93 3.41 -9.05
C VAL B 46 -21.72 3.26 -9.95
N ILE B 47 -20.61 3.89 -9.57
CA ILE B 47 -19.37 3.85 -10.35
C ILE B 47 -18.20 3.77 -9.40
N TYR B 48 -17.32 2.78 -9.59
CA TYR B 48 -16.23 2.55 -8.65
C TYR B 48 -14.88 3.04 -9.13
N GLU B 49 -14.76 3.46 -10.38
CA GLU B 49 -13.57 4.07 -10.91
C GLU B 49 -13.97 5.39 -11.53
N VAL B 50 -13.09 6.00 -12.33
CA VAL B 50 -13.50 7.20 -13.05
C VAL B 50 -14.64 6.89 -14.01
N LYS B 51 -14.65 5.68 -14.61
CA LYS B 51 -15.68 5.38 -15.61
C LYS B 51 -16.22 3.95 -15.56
N TYR B 52 -16.00 3.20 -14.49
CA TYR B 52 -16.35 1.77 -14.46
C TYR B 52 -17.45 1.52 -13.43
N ARG B 53 -18.45 0.72 -13.84
CA ARG B 53 -19.63 0.42 -13.05
C ARG B 53 -19.56 -0.96 -12.42
N PRO B 54 -20.06 -1.13 -11.19
CA PRO B 54 -20.12 -2.46 -10.59
C PRO B 54 -21.10 -3.38 -11.29
N SER B 55 -21.17 -4.63 -10.84
CA SER B 55 -22.10 -5.59 -11.41
C SER B 55 -23.52 -5.28 -10.95
N GLY B 56 -24.46 -5.28 -11.89
CA GLY B 56 -25.86 -5.05 -11.60
C GLY B 56 -26.32 -3.63 -11.82
N ILE B 57 -25.41 -2.67 -11.86
CA ILE B 57 -25.79 -1.28 -12.15
C ILE B 57 -26.14 -1.17 -13.63
N PRO B 58 -27.24 -0.50 -13.99
CA PRO B 58 -27.61 -0.41 -15.40
C PRO B 58 -26.58 0.38 -16.21
N GLU B 59 -26.54 0.07 -17.50
CA GLU B 59 -25.56 0.68 -18.41
C GLU B 59 -25.82 2.16 -18.65
N ARG B 60 -26.96 2.69 -18.19
CA ARG B 60 -27.27 4.10 -18.42
C ARG B 60 -26.25 5.01 -17.74
N PHE B 61 -25.80 4.65 -16.55
CA PHE B 61 -24.79 5.44 -15.86
C PHE B 61 -23.45 5.33 -16.58
N SER B 62 -22.71 6.44 -16.57
CA SER B 62 -21.37 6.47 -17.12
C SER B 62 -20.57 7.54 -16.40
N GLY B 63 -19.25 7.40 -16.42
CA GLY B 63 -18.38 8.30 -15.70
C GLY B 63 -17.32 8.88 -16.61
N SER B 64 -16.85 10.06 -16.23
CA SER B 64 -15.76 10.71 -16.96
C SER B 64 -15.00 11.61 -16.00
N ASN B 65 -13.78 11.96 -16.39
CA ASN B 65 -12.93 12.80 -15.55
C ASN B 65 -12.08 13.67 -16.47
N SER B 66 -12.47 14.93 -16.63
CA SER B 66 -11.78 15.87 -17.49
C SER B 66 -11.17 16.96 -16.62
N GLY B 67 -9.86 17.16 -16.75
CA GLY B 67 -9.18 18.20 -15.98
C GLY B 67 -9.36 17.97 -14.50
N ASN B 68 -9.84 19.01 -13.80
CA ASN B 68 -10.14 18.94 -12.38
C ASN B 68 -11.63 18.78 -12.12
N THR B 69 -12.34 18.05 -13.00
CA THR B 69 -13.79 17.89 -12.88
C THR B 69 -14.17 16.48 -13.25
N ALA B 70 -14.75 15.75 -12.29
CA ALA B 70 -15.37 14.47 -12.58
C ALA B 70 -16.82 14.69 -12.99
N THR B 71 -17.40 13.69 -13.64
CA THR B 71 -18.76 13.83 -14.15
C THR B 71 -19.44 12.47 -14.18
N LEU B 72 -20.68 12.43 -13.70
CA LEU B 72 -21.54 11.26 -13.79
C LEU B 72 -22.65 11.57 -14.77
N THR B 73 -22.65 10.90 -15.91
CA THR B 73 -23.63 11.12 -16.95
C THR B 73 -24.67 10.00 -16.91
N ILE B 74 -25.95 10.39 -16.85
CA ILE B 74 -27.06 9.44 -16.88
C ILE B 74 -27.79 9.69 -18.18
N SER B 75 -27.81 8.67 -19.04
CA SER B 75 -28.51 8.76 -20.32
C SER B 75 -29.83 7.99 -20.25
N GLY B 76 -30.90 8.61 -20.75
CA GLY B 76 -32.21 8.00 -20.67
C GLY B 76 -32.68 7.84 -19.24
N THR B 77 -32.55 8.90 -18.45
CA THR B 77 -32.93 8.87 -17.04
C THR B 77 -34.41 8.55 -16.88
N GLN B 78 -34.70 7.62 -15.97
CA GLN B 78 -36.07 7.26 -15.62
C GLN B 78 -36.42 7.87 -14.27
N ALA B 79 -37.62 7.52 -13.79
CA ALA B 79 -38.08 7.98 -12.48
C ALA B 79 -37.41 7.26 -11.33
N MET B 80 -36.67 6.19 -11.60
CA MET B 80 -35.97 5.45 -10.56
C MET B 80 -34.56 5.96 -10.31
N ASP B 81 -34.12 6.99 -11.03
CA ASP B 81 -32.82 7.61 -10.81
C ASP B 81 -32.91 8.82 -9.90
N GLU B 82 -34.10 9.18 -9.43
CA GLU B 82 -34.28 10.35 -8.57
C GLU B 82 -33.70 10.03 -7.21
N ALA B 83 -32.51 10.57 -6.93
CA ALA B 83 -31.79 10.33 -5.69
C ALA B 83 -30.71 11.38 -5.56
N ALA B 84 -29.86 11.23 -4.56
CA ALA B 84 -28.72 12.11 -4.36
C ALA B 84 -27.45 11.36 -4.72
N TYR B 85 -26.63 11.97 -5.57
CA TYR B 85 -25.41 11.35 -6.08
C TYR B 85 -24.20 12.06 -5.51
N PHE B 86 -23.30 11.29 -4.89
CA PHE B 86 -22.12 11.82 -4.22
C PHE B 86 -20.88 11.30 -4.93
N CYS B 87 -19.96 12.22 -5.26
CA CYS B 87 -18.67 11.84 -5.79
C CYS B 87 -17.68 11.68 -4.64
N GLN B 88 -16.98 10.56 -4.62
CA GLN B 88 -16.09 10.20 -3.52
C GLN B 88 -14.68 10.05 -4.05
N THR B 89 -13.72 10.70 -3.39
CA THR B 89 -12.32 10.58 -3.77
C THR B 89 -11.45 10.77 -2.54
N TRP B 90 -10.23 10.26 -2.60
CA TRP B 90 -9.33 10.30 -1.45
C TRP B 90 -8.40 11.51 -1.54
N ASP B 91 -8.23 12.21 -0.42
CA ASP B 91 -7.32 13.35 -0.40
C ASP B 91 -5.88 12.89 -0.21
N SER B 92 -5.57 12.31 0.96
CA SER B 92 -4.32 11.60 1.16
C SER B 92 -4.55 10.19 1.67
N THR B 93 -5.31 10.04 2.76
CA THR B 93 -5.77 8.75 3.24
C THR B 93 -7.21 8.79 3.72
N THR B 94 -7.88 9.93 3.59
CA THR B 94 -9.24 10.12 4.05
C THR B 94 -10.14 10.29 2.85
N VAL B 95 -11.16 9.45 2.74
CA VAL B 95 -12.11 9.56 1.64
C VAL B 95 -13.03 10.75 1.90
N VAL B 96 -13.34 11.48 0.84
CA VAL B 96 -14.12 12.71 0.90
C VAL B 96 -15.26 12.58 -0.10
N PHE B 97 -16.48 12.83 0.37
CA PHE B 97 -17.66 12.83 -0.48
C PHE B 97 -17.99 14.26 -0.91
N GLY B 98 -18.71 14.36 -2.01
CA GLY B 98 -19.21 15.64 -2.45
C GLY B 98 -20.39 16.08 -1.60
N GLY B 99 -20.83 17.31 -1.84
CA GLY B 99 -21.94 17.85 -1.08
C GLY B 99 -23.29 17.27 -1.41
N GLY B 100 -23.37 16.47 -2.46
CA GLY B 100 -24.62 15.87 -2.87
C GLY B 100 -25.27 16.63 -4.00
N THR B 101 -25.87 15.88 -4.93
CA THR B 101 -26.58 16.44 -6.08
C THR B 101 -27.92 15.71 -6.16
N ARG B 102 -28.94 16.30 -5.55
CA ARG B 102 -30.25 15.66 -5.52
C ARG B 102 -30.89 15.73 -6.90
N LEU B 103 -30.81 14.63 -7.64
CA LEU B 103 -31.38 14.58 -8.98
C LEU B 103 -32.90 14.68 -8.91
N THR B 104 -33.47 15.53 -9.75
CA THR B 104 -34.92 15.74 -9.82
C THR B 104 -35.40 15.37 -11.20
N VAL B 105 -36.31 14.40 -11.27
CA VAL B 105 -36.91 13.96 -12.52
C VAL B 105 -38.39 14.30 -12.47
N LEU B 106 -38.83 15.17 -13.38
CA LEU B 106 -40.22 15.61 -13.41
C LEU B 106 -41.15 14.50 -13.86
N GLU C 1 0.07 1.56 11.27
CA GLU C 1 1.22 2.17 10.62
C GLU C 1 2.45 1.27 10.72
N VAL C 2 3.17 1.14 9.62
CA VAL C 2 4.40 0.35 9.61
C VAL C 2 5.41 0.99 10.54
N GLN C 3 5.88 0.23 11.52
CA GLN C 3 6.78 0.79 12.52
C GLN C 3 7.63 -0.32 13.12
N LEU C 4 8.88 0.01 13.45
CA LEU C 4 9.77 -0.88 14.17
C LEU C 4 10.28 -0.17 15.41
N VAL C 5 10.30 -0.88 16.53
CA VAL C 5 10.77 -0.35 17.79
C VAL C 5 11.77 -1.33 18.37
N GLU C 6 13.02 -0.91 18.53
CA GLU C 6 14.04 -1.76 19.10
C GLU C 6 14.30 -1.38 20.56
N SER C 7 15.00 -2.27 21.27
CA SER C 7 15.28 -2.07 22.68
C SER C 7 16.61 -2.74 22.99
N GLY C 8 16.92 -2.82 24.29
CA GLY C 8 18.15 -3.47 24.72
C GLY C 8 19.40 -2.65 24.50
N GLY C 9 19.26 -1.33 24.35
CA GLY C 9 20.40 -0.46 24.16
C GLY C 9 20.75 0.26 25.45
N GLY C 10 22.05 0.34 25.74
CA GLY C 10 22.49 1.02 26.94
C GLY C 10 24.00 0.93 27.06
N CYS C 11 24.51 1.47 28.16
CA CYS C 11 25.94 1.43 28.42
C CYS C 11 26.35 0.02 28.81
N VAL C 12 27.45 -0.46 28.24
CA VAL C 12 27.94 -1.81 28.47
C VAL C 12 29.46 -1.76 28.62
N LYS C 13 29.98 -2.53 29.57
CA LYS C 13 31.42 -2.62 29.76
C LYS C 13 32.07 -3.26 28.53
N PRO C 14 33.27 -2.81 28.16
CA PRO C 14 34.00 -3.48 27.07
C PRO C 14 34.20 -4.96 27.36
N GLY C 15 34.04 -5.78 26.31
CA GLY C 15 34.07 -7.20 26.47
C GLY C 15 32.79 -7.82 26.98
N GLY C 16 31.74 -7.03 27.16
CA GLY C 16 30.46 -7.51 27.64
C GLY C 16 29.58 -8.01 26.51
N SER C 17 28.28 -8.07 26.79
CA SER C 17 27.33 -8.58 25.81
C SER C 17 25.99 -7.88 25.99
N LEU C 18 25.36 -7.54 24.87
CA LEU C 18 24.02 -6.97 24.85
C LEU C 18 23.18 -7.68 23.80
N ARG C 19 21.87 -7.69 24.02
CA ARG C 19 20.93 -8.27 23.08
C ARG C 19 19.89 -7.21 22.73
N LEU C 20 19.76 -6.91 21.44
CA LEU C 20 18.81 -5.92 20.97
C LEU C 20 17.58 -6.64 20.43
N SER C 21 16.40 -6.21 20.88
CA SER C 21 15.13 -6.83 20.53
C SER C 21 14.30 -5.80 19.76
N CYS C 22 14.14 -6.03 18.46
CA CYS C 22 13.43 -5.11 17.58
C CYS C 22 12.08 -5.71 17.21
N SER C 23 11.02 -5.22 17.85
CA SER C 23 9.67 -5.65 17.50
C SER C 23 9.13 -4.78 16.37
N ALA C 24 8.11 -5.30 15.69
CA ALA C 24 7.50 -4.61 14.56
C ALA C 24 5.98 -4.57 14.74
N SER C 25 5.39 -3.45 14.35
CA SER C 25 3.95 -3.26 14.41
C SER C 25 3.45 -2.70 13.09
N GLY C 26 2.25 -3.13 12.70
CA GLY C 26 1.67 -2.72 11.44
C GLY C 26 1.95 -3.65 10.27
N PHE C 27 2.84 -4.63 10.45
CA PHE C 27 3.16 -5.60 9.41
C PHE C 27 3.73 -6.83 10.09
N SER C 28 4.28 -7.75 9.29
CA SER C 28 4.82 -9.00 9.80
C SER C 28 6.24 -9.20 9.28
N LEU C 29 7.08 -9.82 10.11
CA LEU C 29 8.46 -10.13 9.74
C LEU C 29 8.60 -11.45 9.00
N THR C 30 7.50 -12.17 8.79
CA THR C 30 7.61 -13.54 8.29
C THR C 30 8.18 -13.59 6.88
N LYS C 31 7.84 -12.63 6.03
CA LYS C 31 8.24 -12.65 4.63
C LYS C 31 9.21 -11.54 4.27
N TYR C 32 9.79 -10.85 5.25
CA TYR C 32 10.74 -9.77 4.99
C TYR C 32 12.12 -10.15 5.51
N LYS C 33 13.13 -9.78 4.74
CA LYS C 33 14.50 -9.86 5.22
C LYS C 33 14.83 -8.62 6.04
N MET C 34 15.35 -8.85 7.25
CA MET C 34 15.60 -7.79 8.19
C MET C 34 17.09 -7.49 8.24
N THR C 35 17.42 -6.23 8.54
CA THR C 35 18.79 -5.75 8.46
C THR C 35 19.07 -4.86 9.67
N TRP C 36 20.32 -4.87 10.12
CA TRP C 36 20.79 -3.98 11.16
C TRP C 36 21.77 -2.99 10.57
N VAL C 37 21.57 -1.72 10.85
CA VAL C 37 22.46 -0.65 10.42
C VAL C 37 22.82 0.19 11.63
N ARG C 38 24.11 0.36 11.88
CA ARG C 38 24.57 1.15 13.00
C ARG C 38 25.20 2.45 12.52
N GLN C 39 25.23 3.44 13.39
CA GLN C 39 25.82 4.74 13.08
C GLN C 39 26.66 5.19 14.25
N ALA C 40 27.98 5.13 14.11
CA ALA C 40 28.88 5.57 15.17
C ALA C 40 28.72 7.06 15.39
N PRO C 41 28.95 7.57 16.60
CA PRO C 41 28.78 9.01 16.86
C PRO C 41 29.76 9.82 16.03
N GLY C 42 29.22 10.65 15.15
CA GLY C 42 30.02 11.46 14.25
C GLY C 42 30.47 10.76 12.98
N LYS C 43 30.06 9.52 12.77
CA LYS C 43 30.41 8.75 11.58
C LYS C 43 29.17 8.50 10.75
N GLY C 44 29.34 7.75 9.66
CA GLY C 44 28.24 7.45 8.75
C GLY C 44 27.58 6.13 9.04
N LEU C 45 26.54 5.84 8.27
CA LEU C 45 25.82 4.58 8.40
C LEU C 45 26.71 3.41 8.00
N GLU C 46 26.48 2.27 8.64
CA GLU C 46 27.29 1.08 8.39
C GLU C 46 26.40 -0.15 8.55
N TRP C 47 26.37 -0.98 7.52
CA TRP C 47 25.65 -2.24 7.59
C TRP C 47 26.31 -3.17 8.61
N VAL C 48 25.50 -3.91 9.36
CA VAL C 48 25.99 -4.80 10.41
C VAL C 48 25.67 -6.25 10.08
N SER C 49 24.40 -6.58 9.95
CA SER C 49 23.99 -7.95 9.67
C SER C 49 22.65 -7.95 8.97
N SER C 50 22.34 -9.07 8.33
CA SER C 50 21.07 -9.25 7.64
C SER C 50 20.69 -10.72 7.68
N ILE C 51 19.42 -10.99 7.97
CA ILE C 51 18.90 -12.35 8.08
C ILE C 51 17.77 -12.52 7.07
N SER C 52 17.77 -13.66 6.38
CA SER C 52 16.76 -13.93 5.38
C SER C 52 15.40 -14.15 6.04
N SER C 53 14.37 -14.40 5.22
CA SER C 53 13.02 -14.54 5.75
C SER C 53 12.86 -15.78 6.61
N THR C 54 13.60 -16.85 6.33
CA THR C 54 13.52 -18.08 7.09
C THR C 54 14.85 -18.42 7.73
N SER C 55 15.65 -17.40 8.05
CA SER C 55 16.91 -17.55 8.77
C SER C 55 17.92 -18.42 8.03
N ARG C 56 17.81 -18.52 6.70
CA ARG C 56 18.75 -19.32 5.93
C ARG C 56 19.97 -18.54 5.47
N ASP C 57 19.78 -17.30 5.01
CA ASP C 57 20.87 -16.47 4.53
C ASP C 57 21.22 -15.46 5.62
N ILE C 58 22.26 -15.77 6.38
CA ILE C 58 22.77 -14.91 7.44
C ILE C 58 24.05 -14.26 6.94
N ASP C 59 24.09 -12.93 6.96
CA ASP C 59 25.26 -12.19 6.55
C ASP C 59 25.67 -11.22 7.65
N TYR C 60 26.97 -11.13 7.90
CA TYR C 60 27.52 -10.22 8.88
C TYR C 60 28.57 -9.35 8.21
N ALA C 61 28.68 -8.11 8.68
CA ALA C 61 29.75 -7.24 8.21
C ALA C 61 31.10 -7.77 8.67
N ASP C 62 32.13 -7.53 7.86
CA ASP C 62 33.46 -8.04 8.17
C ASP C 62 33.99 -7.49 9.48
N SER C 63 33.52 -6.32 9.91
CA SER C 63 33.97 -5.73 11.16
C SER C 63 33.38 -6.44 12.37
N VAL C 64 32.15 -6.95 12.26
CA VAL C 64 31.45 -7.59 13.37
C VAL C 64 31.20 -9.07 13.10
N LYS C 65 31.88 -9.65 12.11
CA LYS C 65 31.67 -11.06 11.79
C LYS C 65 32.30 -11.95 12.86
N GLY C 66 31.54 -12.94 13.31
CA GLY C 66 32.04 -13.86 14.31
C GLY C 66 31.55 -13.56 15.71
N ARG C 67 31.38 -12.28 16.03
CA ARG C 67 30.94 -11.87 17.35
C ARG C 67 29.41 -11.74 17.43
N PHE C 68 28.83 -10.99 16.52
CA PHE C 68 27.39 -10.75 16.53
C PHE C 68 26.63 -12.01 16.11
N THR C 69 25.32 -12.02 16.41
CA THR C 69 24.48 -13.16 16.05
C THR C 69 23.06 -12.64 15.83
N ILE C 70 22.64 -12.60 14.57
CA ILE C 70 21.30 -12.12 14.26
C ILE C 70 20.33 -13.29 14.16
N SER C 71 19.14 -13.09 14.69
CA SER C 71 18.13 -14.15 14.70
C SER C 71 16.73 -13.57 14.76
N ARG C 72 15.84 -14.03 13.90
CA ARG C 72 14.48 -13.52 13.84
C ARG C 72 13.55 -14.48 14.58
N ASP C 73 12.32 -14.02 14.78
CA ASP C 73 11.25 -14.86 15.34
C ASP C 73 9.96 -14.37 14.67
N ASN C 74 9.58 -15.05 13.59
CA ASN C 74 8.40 -14.64 12.83
C ASN C 74 7.12 -14.89 13.62
N ALA C 75 7.10 -15.95 14.42
CA ALA C 75 5.92 -16.21 15.25
C ALA C 75 5.70 -15.09 16.25
N LYS C 76 6.77 -14.62 16.89
CA LYS C 76 6.71 -13.48 17.79
C LYS C 76 6.84 -12.15 17.05
N ASN C 77 7.14 -12.18 15.75
CA ASN C 77 7.25 -10.97 14.93
C ASN C 77 8.30 -10.02 15.51
N SER C 78 9.50 -10.55 15.75
CA SER C 78 10.54 -9.77 16.41
C SER C 78 11.91 -10.23 15.99
N LEU C 79 12.75 -9.28 15.59
CA LEU C 79 14.16 -9.52 15.27
C LEU C 79 15.01 -9.37 16.52
N PHE C 80 16.17 -10.01 16.52
CA PHE C 80 17.07 -9.94 17.67
C PHE C 80 18.50 -9.94 17.17
N LEU C 81 19.35 -9.17 17.86
CA LEU C 81 20.78 -9.10 17.56
C LEU C 81 21.54 -9.29 18.87
N GLN C 82 22.16 -10.46 19.03
CA GLN C 82 22.97 -10.76 20.20
C GLN C 82 24.40 -10.32 19.93
N MET C 83 24.86 -9.33 20.67
CA MET C 83 26.19 -8.76 20.50
C MET C 83 27.11 -9.34 21.57
N SER C 84 28.24 -9.90 21.14
CA SER C 84 29.16 -10.58 22.02
C SER C 84 30.56 -9.98 21.91
N SER C 85 31.21 -9.79 23.05
CA SER C 85 32.57 -9.25 23.12
C SER C 85 32.64 -7.89 22.41
N LEU C 86 31.87 -6.94 22.93
CA LEU C 86 31.78 -5.62 22.31
C LEU C 86 33.07 -4.85 22.52
N ARG C 87 33.71 -4.47 21.43
CA ARG C 87 34.88 -3.61 21.52
C ARG C 87 34.46 -2.17 21.78
N VAL C 88 35.43 -1.34 22.14
CA VAL C 88 35.17 0.08 22.36
C VAL C 88 34.76 0.80 21.08
N ASP C 89 34.99 0.17 19.92
CA ASP C 89 34.65 0.76 18.63
C ASP C 89 33.26 0.38 18.16
N ASP C 90 32.50 -0.37 18.97
CA ASP C 90 31.15 -0.80 18.60
C ASP C 90 30.07 0.10 19.16
N THR C 91 30.44 1.20 19.81
CA THR C 91 29.45 2.13 20.34
C THR C 91 28.80 2.90 19.19
N ALA C 92 27.49 2.75 19.04
CA ALA C 92 26.77 3.36 17.93
C ALA C 92 25.27 3.25 18.19
N VAL C 93 24.50 3.95 17.39
CA VAL C 93 23.05 3.80 17.40
C VAL C 93 22.68 2.76 16.36
N TYR C 94 21.98 1.71 16.78
CA TYR C 94 21.63 0.60 15.92
C TYR C 94 20.19 0.74 15.48
N TYR C 95 19.97 0.69 14.17
CA TYR C 95 18.64 0.73 13.58
C TYR C 95 18.33 -0.64 12.98
N CYS C 96 17.15 -1.16 13.25
CA CYS C 96 16.67 -2.36 12.59
C CYS C 96 15.78 -1.96 11.42
N THR C 97 16.14 -2.41 10.23
CA THR C 97 15.49 -2.00 9.00
C THR C 97 14.84 -3.21 8.33
N ARG C 98 14.07 -2.94 7.29
CA ARG C 98 13.34 -3.96 6.55
C ARG C 98 13.80 -3.94 5.10
N ASP C 99 14.60 -4.94 4.72
CA ASP C 99 15.28 -4.95 3.42
C ASP C 99 14.81 -6.16 2.61
N GLY C 100 13.80 -5.95 1.76
CA GLY C 100 13.47 -7.02 0.83
C GLY C 100 12.32 -7.87 1.30
N TRP C 101 11.42 -8.19 0.36
CA TRP C 101 10.25 -9.00 0.63
C TRP C 101 10.34 -10.30 -0.16
N LEU C 102 10.23 -11.43 0.54
CA LEU C 102 10.39 -12.72 -0.09
C LEU C 102 9.11 -13.17 -0.77
N TRP C 103 9.24 -13.66 -2.01
CA TRP C 103 8.14 -14.31 -2.72
C TRP C 103 8.69 -15.59 -3.34
N GLY C 104 8.41 -16.72 -2.71
CA GLY C 104 8.90 -17.99 -3.20
C GLY C 104 9.80 -18.68 -2.20
N TRP C 105 10.64 -19.60 -2.68
CA TRP C 105 11.59 -20.25 -1.80
C TRP C 105 12.67 -19.26 -1.37
N ASP C 106 13.31 -19.56 -0.24
CA ASP C 106 14.20 -18.61 0.42
C ASP C 106 15.56 -18.64 -0.27
N VAL C 107 15.68 -17.86 -1.35
CA VAL C 107 16.95 -17.59 -2.00
C VAL C 107 17.07 -16.09 -2.15
N ARG C 108 18.30 -15.60 -2.25
CA ARG C 108 18.53 -14.17 -2.33
C ARG C 108 17.97 -13.55 -3.60
N SER C 109 17.68 -14.36 -4.62
CA SER C 109 17.14 -13.86 -5.87
C SER C 109 15.62 -13.86 -5.91
N ASN C 110 14.95 -14.33 -4.86
CA ASN C 110 13.50 -14.35 -4.79
C ASN C 110 12.94 -13.19 -3.98
N TYR C 111 13.77 -12.23 -3.62
CA TYR C 111 13.35 -11.08 -2.83
C TYR C 111 13.06 -9.89 -3.73
N TYR C 112 12.16 -9.03 -3.27
CA TYR C 112 11.89 -7.75 -3.91
C TYR C 112 12.57 -6.66 -3.08
N TYR C 113 13.74 -6.23 -3.54
CA TYR C 113 14.59 -5.34 -2.76
C TYR C 113 14.13 -3.91 -2.93
N ASN C 114 13.58 -3.33 -1.85
CA ASN C 114 13.23 -1.93 -1.81
C ASN C 114 14.20 -1.13 -0.94
N ALA C 115 15.30 -1.74 -0.50
CA ALA C 115 16.42 -1.05 0.13
C ALA C 115 16.01 -0.34 1.41
N LEU C 116 15.63 -1.15 2.40
CA LEU C 116 15.41 -0.67 3.77
C LEU C 116 14.30 0.37 3.80
N ASP C 117 13.10 -0.07 3.41
CA ASP C 117 11.99 0.86 3.23
C ASP C 117 11.57 1.50 4.54
N VAL C 118 11.52 0.73 5.62
CA VAL C 118 11.13 1.25 6.93
C VAL C 118 12.27 0.99 7.92
N TRP C 119 12.65 2.02 8.65
CA TRP C 119 13.72 1.95 9.63
C TRP C 119 13.14 1.91 11.04
N GLY C 120 13.91 1.34 11.96
CA GLY C 120 13.54 1.37 13.36
C GLY C 120 13.75 2.75 13.95
N GLN C 121 13.81 2.85 15.28
CA GLN C 121 14.04 4.12 15.93
C GLN C 121 15.48 4.31 16.38
N GLY C 122 16.24 3.22 16.56
CA GLY C 122 17.64 3.33 16.91
C GLY C 122 17.89 3.27 18.40
N THR C 123 18.63 2.24 18.83
CA THR C 123 19.01 2.09 20.23
C THR C 123 20.50 2.39 20.36
N CYS C 124 20.85 3.22 21.33
CA CYS C 124 22.24 3.59 21.55
C CYS C 124 22.95 2.51 22.34
N VAL C 125 24.10 2.05 21.85
CA VAL C 125 24.96 1.12 22.55
C VAL C 125 26.28 1.84 22.80
N THR C 126 26.58 2.12 24.06
CA THR C 126 27.78 2.85 24.45
C THR C 126 28.70 1.86 25.19
N VAL C 127 29.95 1.78 24.74
CA VAL C 127 30.89 0.84 25.33
C VAL C 127 31.82 1.55 26.31
N ASP D 1 32.52 -4.84 0.17
CA ASP D 1 33.60 -5.02 -0.78
C ASP D 1 33.53 -4.00 -1.91
N ILE D 2 32.43 -3.25 -1.95
CA ILE D 2 32.21 -2.21 -2.96
C ILE D 2 32.39 -0.86 -2.29
N VAL D 3 33.37 -0.09 -2.78
CA VAL D 3 33.62 1.24 -2.27
C VAL D 3 32.70 2.22 -3.00
N VAL D 4 31.80 2.84 -2.25
CA VAL D 4 30.77 3.72 -2.81
C VAL D 4 31.08 5.13 -2.34
N THR D 5 31.80 5.89 -3.15
CA THR D 5 32.14 7.26 -2.79
C THR D 5 30.94 8.18 -2.99
N GLN D 6 30.77 9.13 -2.08
CA GLN D 6 29.71 10.11 -2.17
C GLN D 6 30.30 11.51 -2.09
N SER D 7 29.79 12.40 -2.94
CA SER D 7 30.32 13.76 -3.02
C SER D 7 29.16 14.72 -3.25
N PRO D 8 29.29 15.98 -2.83
CA PRO D 8 30.41 16.50 -2.03
C PRO D 8 30.26 16.18 -0.56
N SER D 9 31.31 16.39 0.24
CA SER D 9 31.23 16.11 1.67
C SER D 9 30.16 16.98 2.33
N SER D 10 30.11 18.27 1.97
CA SER D 10 29.10 19.17 2.47
C SER D 10 28.90 20.29 1.45
N LEU D 11 27.68 20.81 1.39
CA LEU D 11 27.37 21.86 0.44
C LEU D 11 26.26 22.74 0.99
N SER D 12 26.33 24.03 0.69
CA SER D 12 25.32 25.00 1.10
C SER D 12 24.54 25.48 -0.11
N ALA D 13 23.28 25.81 0.11
CA ALA D 13 22.42 26.30 -0.96
C ALA D 13 21.37 27.22 -0.38
N SER D 14 20.77 28.05 -1.25
CA SER D 14 19.77 29.00 -0.82
C SER D 14 18.47 28.27 -0.47
N VAL D 15 17.49 29.06 -0.01
CA VAL D 15 16.20 28.50 0.39
C VAL D 15 15.51 27.85 -0.79
N GLY D 16 15.57 28.47 -1.96
CA GLY D 16 15.08 27.85 -3.17
C GLY D 16 16.17 27.67 -4.20
N ASP D 17 16.57 26.42 -4.45
CA ASP D 17 17.68 26.14 -5.34
C ASP D 17 17.66 24.66 -5.68
N ARG D 18 18.38 24.31 -6.75
CA ARG D 18 18.53 22.93 -7.20
C ARG D 18 19.90 22.43 -6.80
N VAL D 19 19.94 21.32 -6.08
CA VAL D 19 21.18 20.76 -5.54
C VAL D 19 21.31 19.32 -6.00
N THR D 20 22.50 18.97 -6.51
CA THR D 20 22.78 17.63 -7.01
C THR D 20 23.89 16.98 -6.19
N ILE D 21 23.66 15.74 -5.77
CA ILE D 21 24.62 14.96 -4.99
C ILE D 21 25.00 13.74 -5.80
N THR D 22 26.30 13.52 -5.94
CA THR D 22 26.82 12.46 -6.80
C THR D 22 27.29 11.28 -5.96
N CYS D 23 27.03 10.08 -6.45
CA CYS D 23 27.43 8.84 -5.80
C CYS D 23 28.04 7.93 -6.85
N ARG D 24 29.31 7.58 -6.65
CA ARG D 24 30.07 6.79 -7.60
C ARG D 24 30.47 5.47 -6.94
N ALA D 25 29.98 4.36 -7.49
CA ALA D 25 30.33 3.06 -6.95
C ALA D 25 31.68 2.59 -7.50
N SER D 26 32.31 1.68 -6.75
CA SER D 26 33.58 1.12 -7.21
C SER D 26 33.40 0.34 -8.51
N GLN D 27 32.33 -0.46 -8.59
CA GLN D 27 32.00 -1.19 -9.81
C GLN D 27 30.49 -1.08 -10.03
N GLY D 28 30.05 -1.51 -11.21
CA GLY D 28 28.66 -1.39 -11.58
C GLY D 28 27.70 -2.08 -10.64
N ILE D 29 26.67 -1.36 -10.20
CA ILE D 29 25.64 -1.92 -9.33
C ILE D 29 24.31 -2.07 -10.03
N TYR D 30 24.21 -1.67 -11.29
CA TYR D 30 23.04 -1.94 -12.14
C TYR D 30 21.75 -1.38 -11.54
N ASN D 31 21.73 -0.05 -11.39
CA ASN D 31 20.54 0.68 -10.97
C ASN D 31 19.96 0.13 -9.67
N SER D 32 20.84 -0.15 -8.71
CA SER D 32 20.43 -0.66 -7.41
C SER D 32 20.97 0.26 -6.32
N ILE D 33 20.79 1.56 -6.49
CA ILE D 33 21.23 2.54 -5.50
C ILE D 33 19.99 3.11 -4.82
N ALA D 34 20.14 3.45 -3.54
CA ALA D 34 19.06 4.02 -2.75
C ALA D 34 19.58 5.23 -2.00
N TRP D 35 18.69 6.21 -1.84
CA TRP D 35 19.01 7.45 -1.16
C TRP D 35 18.16 7.60 0.08
N TYR D 36 18.81 7.80 1.22
CA TYR D 36 18.19 7.95 2.53
C TYR D 36 18.47 9.34 3.07
N GLN D 37 17.51 9.88 3.82
CA GLN D 37 17.63 11.19 4.44
C GLN D 37 17.58 11.02 5.96
N GLN D 38 18.59 11.53 6.65
CA GLN D 38 18.67 11.45 8.10
C GLN D 38 18.72 12.86 8.66
N LYS D 39 17.67 13.24 9.39
CA LYS D 39 17.60 14.57 9.97
C LYS D 39 18.44 14.63 11.24
N CYS D 40 18.28 15.70 12.01
CA CYS D 40 19.11 15.94 13.19
C CYS D 40 18.77 14.91 14.26
N GLY D 41 19.63 13.91 14.43
CA GLY D 41 19.46 12.92 15.48
C GLY D 41 18.21 12.07 15.34
N LYS D 42 17.88 11.65 14.12
CA LYS D 42 16.72 10.82 13.86
C LYS D 42 17.12 9.68 12.94
N ALA D 43 16.28 8.65 12.91
CA ALA D 43 16.54 7.52 12.04
C ALA D 43 16.42 7.94 10.58
N PRO D 44 17.34 7.50 9.71
CA PRO D 44 17.23 7.84 8.30
C PRO D 44 15.95 7.30 7.69
N LYS D 45 15.40 8.04 6.74
CA LYS D 45 14.20 7.62 6.02
C LYS D 45 14.55 7.44 4.55
N LEU D 46 14.06 6.34 3.98
CA LEU D 46 14.33 6.06 2.57
C LEU D 46 13.62 7.08 1.69
N LEU D 47 14.40 7.77 0.85
CA LEU D 47 13.85 8.69 -0.13
C LEU D 47 13.65 8.01 -1.48
N LEU D 48 14.70 7.40 -2.01
CA LEU D 48 14.65 6.79 -3.34
C LEU D 48 15.21 5.38 -3.30
N TYR D 49 14.63 4.51 -4.11
CA TYR D 49 15.20 3.19 -4.36
C TYR D 49 15.10 2.88 -5.85
N SER D 50 15.97 1.97 -6.30
CA SER D 50 16.08 1.61 -7.71
C SER D 50 16.44 2.82 -8.57
N THR D 51 17.03 3.84 -7.95
CA THR D 51 17.60 5.02 -8.59
C THR D 51 16.55 5.97 -9.12
N SER D 52 15.29 5.55 -9.15
CA SER D 52 14.24 6.41 -9.69
C SER D 52 12.96 6.41 -8.89
N THR D 53 12.66 5.38 -8.11
CA THR D 53 11.34 5.24 -7.51
C THR D 53 11.26 6.07 -6.24
N LEU D 54 10.25 6.92 -6.16
CA LEU D 54 9.99 7.69 -4.94
C LEU D 54 9.32 6.79 -3.92
N LEU D 55 9.23 7.28 -2.69
CA LEU D 55 8.61 6.54 -1.59
C LEU D 55 7.46 7.36 -1.02
N SER D 56 6.51 6.65 -0.41
CA SER D 56 5.34 7.32 0.15
C SER D 56 5.76 8.29 1.26
N GLY D 57 5.20 9.49 1.22
CA GLY D 57 5.56 10.53 2.17
C GLY D 57 6.77 11.35 1.77
N VAL D 58 7.43 11.01 0.68
CA VAL D 58 8.59 11.74 0.19
C VAL D 58 8.11 12.82 -0.77
N PRO D 59 8.53 14.08 -0.63
CA PRO D 59 8.11 15.11 -1.58
C PRO D 59 8.60 14.81 -2.98
N SER D 60 7.84 15.28 -3.97
CA SER D 60 8.18 15.07 -5.36
C SER D 60 9.41 15.83 -5.80
N ARG D 61 9.92 16.74 -4.96
CA ARG D 61 11.11 17.51 -5.32
C ARG D 61 12.33 16.60 -5.52
N PHE D 62 12.47 15.57 -4.70
CA PHE D 62 13.59 14.65 -4.81
C PHE D 62 13.45 13.80 -6.07
N SER D 63 14.57 13.61 -6.77
CA SER D 63 14.60 12.77 -7.96
C SER D 63 15.97 12.11 -8.03
N GLY D 64 16.02 11.01 -8.78
CA GLY D 64 17.25 10.26 -8.94
C GLY D 64 17.55 10.01 -10.41
N SER D 65 18.83 9.84 -10.70
CA SER D 65 19.26 9.60 -12.07
C SER D 65 20.59 8.87 -12.09
N GLY D 66 21.22 8.80 -13.26
CA GLY D 66 22.47 8.10 -13.43
C GLY D 66 22.27 6.63 -13.71
N SER D 67 23.39 5.96 -14.02
CA SER D 67 23.34 4.55 -14.38
C SER D 67 24.76 3.99 -14.37
N GLY D 68 24.85 2.68 -14.09
CA GLY D 68 26.11 1.97 -14.12
C GLY D 68 26.91 2.10 -12.84
N THR D 69 27.63 3.22 -12.68
CA THR D 69 28.43 3.45 -11.49
C THR D 69 28.17 4.84 -10.92
N ASP D 70 27.78 5.78 -11.78
CA ASP D 70 27.56 7.16 -11.39
C ASP D 70 26.05 7.42 -11.28
N TYR D 71 25.61 7.86 -10.11
CA TYR D 71 24.21 8.14 -9.84
C TYR D 71 24.12 9.51 -9.18
N THR D 72 22.96 10.15 -9.33
CA THR D 72 22.79 11.49 -8.79
C THR D 72 21.43 11.59 -8.11
N LEU D 73 21.40 12.34 -7.02
CA LEU D 73 20.18 12.74 -6.34
C LEU D 73 20.01 14.24 -6.49
N THR D 74 18.87 14.65 -7.04
CA THR D 74 18.61 16.06 -7.35
C THR D 74 17.42 16.54 -6.54
N ILE D 75 17.60 17.66 -5.86
CA ILE D 75 16.52 18.36 -5.16
C ILE D 75 16.33 19.68 -5.88
N THR D 76 15.25 19.78 -6.66
CA THR D 76 15.04 20.96 -7.49
C THR D 76 14.62 22.16 -6.66
N ASN D 77 13.82 21.95 -5.62
CA ASN D 77 13.35 23.02 -4.75
C ASN D 77 13.63 22.63 -3.31
N LEU D 78 14.25 23.54 -2.56
CA LEU D 78 14.63 23.29 -1.18
C LEU D 78 13.64 23.95 -0.23
N GLN D 79 13.70 23.52 1.03
CA GLN D 79 12.86 24.06 2.09
C GLN D 79 13.49 23.68 3.42
N CYS D 80 12.99 24.31 4.49
CA CYS D 80 13.55 24.09 5.82
C CYS D 80 13.54 22.61 6.20
N GLU D 81 12.57 21.85 5.69
CA GLU D 81 12.52 20.42 5.98
C GLU D 81 13.66 19.67 5.30
N ASP D 82 14.32 20.28 4.33
CA ASP D 82 15.34 19.58 3.56
C ASP D 82 16.74 19.75 4.16
N PHE D 83 16.81 20.08 5.45
CA PHE D 83 18.08 20.12 6.17
C PHE D 83 18.31 18.76 6.81
N ALA D 84 19.24 17.99 6.25
CA ALA D 84 19.54 16.66 6.74
C ALA D 84 20.83 16.18 6.08
N THR D 85 21.20 14.94 6.38
CA THR D 85 22.34 14.28 5.76
C THR D 85 21.82 13.19 4.85
N TYR D 86 22.31 13.16 3.61
CA TYR D 86 21.81 12.24 2.60
C TYR D 86 22.86 11.17 2.33
N TYR D 87 22.43 9.91 2.37
CA TYR D 87 23.31 8.76 2.20
C TYR D 87 22.87 7.96 0.98
N CYS D 88 23.84 7.52 0.19
CA CYS D 88 23.59 6.61 -0.91
C CYS D 88 24.11 5.22 -0.55
N GLN D 89 23.29 4.21 -0.81
CA GLN D 89 23.59 2.83 -0.48
C GLN D 89 23.40 1.96 -1.70
N GLN D 90 24.35 1.06 -1.94
CA GLN D 90 24.19 0.07 -2.99
C GLN D 90 23.69 -1.24 -2.36
N TYR D 91 22.63 -1.79 -2.94
CA TYR D 91 22.11 -3.08 -2.50
C TYR D 91 22.13 -4.09 -3.63
N PHE D 92 23.11 -3.96 -4.53
CA PHE D 92 23.28 -4.90 -5.61
C PHE D 92 23.88 -6.21 -5.12
N VAL D 93 24.78 -6.16 -4.14
CA VAL D 93 25.41 -7.36 -3.59
C VAL D 93 25.85 -7.07 -2.17
N THR D 94 25.76 -8.08 -1.32
CA THR D 94 26.22 -7.95 0.05
C THR D 94 27.74 -7.82 0.08
N PRO D 95 28.31 -7.01 0.99
CA PRO D 95 27.61 -6.18 1.98
C PRO D 95 26.98 -4.93 1.38
N GLU D 96 25.92 -4.43 2.01
CA GLU D 96 25.22 -3.24 1.54
C GLU D 96 26.00 -2.02 1.99
N THR D 97 26.91 -1.55 1.15
CA THR D 97 27.76 -0.42 1.49
C THR D 97 26.97 0.89 1.36
N PHE D 98 27.05 1.72 2.39
CA PHE D 98 26.46 3.05 2.38
C PHE D 98 27.48 4.08 1.92
N GLY D 99 26.98 5.26 1.57
CA GLY D 99 27.84 6.39 1.27
C GLY D 99 28.31 7.07 2.54
N GLN D 100 29.31 7.94 2.37
CA GLN D 100 29.86 8.65 3.51
C GLN D 100 28.90 9.69 4.07
N GLY D 101 28.03 10.23 3.25
CA GLY D 101 27.03 11.18 3.72
C GLY D 101 27.40 12.60 3.34
N THR D 102 26.40 13.37 2.93
CA THR D 102 26.57 14.77 2.56
C THR D 102 25.70 15.63 3.47
N LYS D 103 26.31 16.62 4.11
CA LYS D 103 25.59 17.54 4.97
C LYS D 103 25.07 18.71 4.14
N LEU D 104 23.75 18.89 4.14
CA LEU D 104 23.10 19.94 3.37
C LEU D 104 22.63 21.03 4.32
N GLU D 105 23.09 22.26 4.09
CA GLU D 105 22.75 23.40 4.92
C GLU D 105 22.14 24.50 4.04
N ILE D 106 21.03 25.06 4.49
CA ILE D 106 20.35 26.13 3.76
C ILE D 106 21.03 27.45 4.06
N LYS D 107 21.45 28.14 3.00
CA LYS D 107 22.11 29.44 3.15
C LYS D 107 21.14 30.58 2.93
N LEU E 88 0.75 -34.95 -22.04
CA LEU E 88 0.55 -34.52 -20.66
C LEU E 88 1.90 -34.23 -19.99
N LEU E 89 2.77 -35.23 -19.96
CA LEU E 89 4.09 -35.04 -19.40
C LEU E 89 4.89 -34.02 -20.20
N CYS E 90 4.79 -34.09 -21.54
CA CYS E 90 5.43 -33.09 -22.38
C CYS E 90 4.86 -31.70 -22.13
N LEU E 91 3.55 -31.61 -21.92
CA LEU E 91 2.94 -30.33 -21.59
C LEU E 91 3.43 -29.81 -20.25
N ILE E 92 3.60 -30.70 -19.26
CA ILE E 92 4.11 -30.28 -17.97
C ILE E 92 5.54 -29.75 -18.10
N PHE E 93 6.37 -30.45 -18.87
CA PHE E 93 7.75 -30.00 -19.07
C PHE E 93 7.78 -28.68 -19.83
N LEU E 94 6.89 -28.50 -20.80
CA LEU E 94 6.84 -27.24 -21.52
C LEU E 94 6.41 -26.10 -20.61
N LEU E 95 5.43 -26.34 -19.73
CA LEU E 95 5.04 -25.31 -18.77
C LEU E 95 6.18 -24.98 -17.82
N VAL E 96 6.94 -26.00 -17.39
CA VAL E 96 8.10 -25.75 -16.52
C VAL E 96 9.14 -24.91 -17.25
N LEU E 97 9.41 -25.24 -18.51
CA LEU E 97 10.36 -24.48 -19.31
C LEU E 97 9.92 -23.04 -19.54
N LEU E 98 8.63 -22.82 -19.80
CA LEU E 98 8.09 -21.48 -19.93
C LEU E 98 8.10 -20.70 -18.63
N ASP E 99 7.90 -21.37 -17.50
CA ASP E 99 7.94 -20.73 -16.20
C ASP E 99 9.35 -20.37 -15.76
N TYR E 100 10.33 -21.21 -16.10
CA TYR E 100 11.72 -20.89 -15.80
C TYR E 100 12.19 -19.64 -16.55
N GLN E 101 11.70 -19.46 -17.77
CA GLN E 101 12.05 -18.29 -18.57
C GLN E 101 11.19 -17.08 -18.25
N GLY E 102 10.25 -17.19 -17.33
CA GLY E 102 9.43 -16.05 -16.94
C GLY E 102 8.33 -15.70 -17.91
N MET E 103 7.88 -16.65 -18.73
CA MET E 103 6.82 -16.40 -19.70
C MET E 103 5.44 -16.74 -19.17
N LEU E 104 5.34 -17.12 -17.89
CA LEU E 104 4.06 -17.38 -17.24
C LEU E 104 3.86 -16.35 -16.14
N PRO E 105 3.12 -15.27 -16.40
CA PRO E 105 3.04 -14.14 -15.47
C PRO E 105 2.12 -14.34 -14.28
N VAL E 106 2.31 -15.45 -13.56
CA VAL E 106 1.59 -15.63 -12.31
C VAL E 106 2.21 -14.73 -11.25
N CYS E 107 1.47 -13.71 -10.86
CA CYS E 107 2.03 -12.59 -10.13
C CYS E 107 1.85 -12.74 -8.63
N PRO E 108 2.73 -12.12 -7.83
CA PRO E 108 2.69 -12.36 -6.39
C PRO E 108 1.48 -11.73 -5.73
N LEU E 109 1.15 -12.24 -4.55
CA LEU E 109 0.19 -11.59 -3.67
C LEU E 109 0.80 -10.27 -3.20
N ILE E 110 0.10 -9.18 -3.45
CA ILE E 110 0.63 -7.85 -3.15
C ILE E 110 0.78 -7.71 -1.64
N PRO E 111 1.93 -7.26 -1.14
CA PRO E 111 2.12 -7.14 0.31
C PRO E 111 1.11 -6.17 0.93
N GLY E 112 0.70 -6.48 2.15
CA GLY E 112 -0.27 -5.64 2.82
C GLY E 112 0.30 -4.30 3.23
N SER E 113 1.62 -4.18 3.29
CA SER E 113 2.29 -2.95 3.74
C SER E 113 3.41 -2.64 2.76
N SER E 114 3.09 -1.86 1.73
CA SER E 114 4.06 -1.39 0.75
C SER E 114 4.21 0.13 0.88
N THR E 115 5.44 0.58 1.00
CA THR E 115 5.73 1.99 1.25
C THR E 115 6.03 2.78 0.00
N THR E 116 5.96 2.17 -1.19
CA THR E 116 6.28 2.87 -2.41
C THR E 116 5.21 3.92 -2.74
N SER E 117 5.66 5.13 -3.05
CA SER E 117 4.74 6.17 -3.47
C SER E 117 4.07 5.78 -4.79
N THR E 118 2.75 5.93 -4.84
CA THR E 118 1.97 5.53 -5.99
C THR E 118 0.85 6.54 -6.21
N GLY E 119 -0.10 6.15 -7.06
CA GLY E 119 -1.26 6.94 -7.34
C GLY E 119 -2.37 6.04 -7.87
N PRO E 120 -3.36 6.63 -8.53
CA PRO E 120 -4.39 5.80 -9.17
C PRO E 120 -3.76 4.90 -10.22
N CYS E 121 -4.33 3.70 -10.36
CA CYS E 121 -3.77 2.70 -11.26
C CYS E 121 -3.70 3.21 -12.71
N ARG E 122 -4.65 4.04 -13.12
CA ARG E 122 -4.63 4.57 -14.49
C ARG E 122 -3.43 5.48 -14.73
N THR E 123 -2.75 5.89 -13.66
CA THR E 123 -1.50 6.64 -13.76
C THR E 123 -0.37 5.80 -13.17
N CYS E 124 0.35 5.11 -14.05
CA CYS E 124 1.38 4.16 -13.62
C CYS E 124 2.63 4.90 -13.16
N MET E 125 2.57 5.46 -11.95
CA MET E 125 3.71 6.18 -11.39
C MET E 125 4.79 5.23 -10.91
N THR E 126 4.43 3.96 -10.74
CA THR E 126 5.33 2.90 -10.27
C THR E 126 6.10 3.31 -9.01
N MET E 133 8.13 1.00 -16.58
CA MET E 133 7.52 0.16 -15.56
C MET E 133 7.36 -1.28 -16.04
N TYR E 134 7.95 -2.21 -15.30
CA TYR E 134 7.84 -3.62 -15.65
C TYR E 134 6.39 -4.08 -15.42
N PRO E 135 5.94 -5.12 -16.16
CA PRO E 135 4.60 -5.65 -15.92
C PRO E 135 4.37 -6.02 -14.47
N SER E 136 3.43 -5.35 -13.83
CA SER E 136 3.20 -5.51 -12.40
C SER E 136 1.73 -5.76 -12.14
N CYS E 137 1.46 -6.53 -11.09
CA CYS E 137 0.10 -6.76 -10.64
C CYS E 137 -0.24 -5.74 -9.56
N CYS E 138 -1.37 -5.06 -9.73
CA CYS E 138 -1.75 -3.95 -8.87
C CYS E 138 -3.18 -4.14 -8.37
N CYS E 139 -3.43 -3.64 -7.16
CA CYS E 139 -4.78 -3.56 -6.62
C CYS E 139 -4.98 -2.19 -5.99
N THR E 140 -6.18 -1.64 -6.16
CA THR E 140 -6.49 -0.33 -5.63
C THR E 140 -6.61 -0.41 -4.11
N LYS E 141 -5.75 0.32 -3.40
CA LYS E 141 -5.78 0.28 -1.94
C LYS E 141 -6.91 1.17 -1.43
N PRO E 142 -7.88 0.62 -0.67
CA PRO E 142 -9.01 1.44 -0.21
C PRO E 142 -8.62 2.52 0.78
N SER E 143 -7.43 2.46 1.37
CA SER E 143 -7.06 3.43 2.39
C SER E 143 -6.76 4.80 1.76
N ASP E 144 -5.75 4.86 0.90
CA ASP E 144 -5.36 6.10 0.25
C ASP E 144 -5.96 6.26 -1.14
N GLY E 145 -6.63 5.24 -1.65
CA GLY E 145 -7.22 5.28 -2.97
C GLY E 145 -6.26 5.01 -4.11
N ASN E 146 -4.96 4.94 -3.82
CA ASN E 146 -3.94 4.67 -4.83
C ASN E 146 -3.83 3.18 -5.04
N CYS E 147 -2.89 2.76 -5.90
CA CYS E 147 -2.72 1.36 -6.24
C CYS E 147 -1.43 0.84 -5.62
N THR E 148 -1.49 -0.36 -5.08
CA THR E 148 -0.33 -1.07 -4.59
C THR E 148 0.03 -2.10 -5.65
N CYS E 149 1.27 -2.07 -6.11
CA CYS E 149 1.74 -2.92 -7.20
C CYS E 149 2.90 -3.80 -6.75
N ILE E 150 3.09 -4.88 -7.49
CA ILE E 150 4.23 -5.78 -7.28
C ILE E 150 4.59 -6.39 -8.62
N PRO E 151 5.85 -6.29 -9.05
CA PRO E 151 6.22 -6.84 -10.36
C PRO E 151 6.18 -8.36 -10.37
N ILE E 152 5.91 -8.90 -11.56
CA ILE E 152 5.88 -10.35 -11.75
C ILE E 152 7.30 -10.89 -11.57
N PRO E 153 7.48 -12.00 -10.83
CA PRO E 153 8.81 -12.59 -10.70
C PRO E 153 9.36 -12.99 -12.07
N SER E 154 10.65 -12.75 -12.26
CA SER E 154 11.29 -13.01 -13.54
C SER E 154 11.89 -14.40 -13.66
N SER E 155 11.98 -15.16 -12.56
CA SER E 155 12.63 -16.47 -12.58
C SER E 155 11.63 -17.61 -12.65
N TRP E 156 10.78 -17.75 -11.64
CA TRP E 156 9.74 -18.80 -11.63
C TRP E 156 8.50 -18.18 -11.00
N ALA E 157 7.64 -17.61 -11.82
CA ALA E 157 6.45 -16.96 -11.29
C ALA E 157 5.40 -17.96 -10.81
N PHE E 158 5.02 -18.93 -11.65
CA PHE E 158 4.08 -19.97 -11.26
C PHE E 158 4.61 -20.84 -10.14
N GLY E 159 5.89 -21.21 -10.21
CA GLY E 159 6.48 -22.01 -9.14
C GLY E 159 6.50 -21.29 -7.81
N LYS E 160 6.88 -20.01 -7.83
CA LYS E 160 6.87 -19.23 -6.59
C LYS E 160 5.46 -19.08 -6.04
N PHE E 161 4.48 -18.85 -6.92
CA PHE E 161 3.11 -18.73 -6.43
C PHE E 161 2.62 -20.03 -5.82
N LEU E 162 2.93 -21.17 -6.46
CA LEU E 162 2.53 -22.44 -5.89
C LEU E 162 3.22 -22.71 -4.56
N TRP E 163 4.50 -22.35 -4.46
CA TRP E 163 5.22 -22.51 -3.20
C TRP E 163 4.58 -21.68 -2.09
N GLU E 164 4.24 -20.43 -2.39
CA GLU E 164 3.62 -19.57 -1.40
C GLU E 164 2.19 -19.98 -1.08
N TRP E 165 1.49 -20.60 -2.03
CA TRP E 165 0.16 -21.11 -1.75
C TRP E 165 0.21 -22.34 -0.86
N ALA E 166 1.20 -23.21 -1.08
CA ALA E 166 1.37 -24.40 -0.25
C ALA E 166 2.11 -24.12 1.04
N SER E 167 2.66 -22.93 1.23
CA SER E 167 3.33 -22.55 2.46
C SER E 167 2.39 -21.88 3.45
N ALA E 168 1.11 -21.76 3.13
CA ALA E 168 0.14 -21.14 4.02
C ALA E 168 -1.06 -22.06 4.23
N LEU F 88 1.13 -36.84 -10.98
CA LEU F 88 1.02 -35.70 -11.87
C LEU F 88 -0.43 -35.34 -12.14
N LEU F 89 -1.27 -36.36 -12.29
CA LEU F 89 -2.69 -36.12 -12.57
C LEU F 89 -3.36 -35.38 -11.43
N CYS F 90 -3.02 -35.73 -10.18
CA CYS F 90 -3.57 -35.01 -9.04
C CYS F 90 -3.12 -33.56 -9.04
N LEU F 91 -1.85 -33.31 -9.35
CA LEU F 91 -1.35 -31.94 -9.42
C LEU F 91 -2.05 -31.16 -10.52
N ILE F 92 -2.26 -31.78 -11.70
CA ILE F 92 -2.94 -31.11 -12.79
C ILE F 92 -4.39 -30.80 -12.42
N PHE F 93 -5.06 -31.74 -11.76
CA PHE F 93 -6.44 -31.50 -11.33
C PHE F 93 -6.50 -30.36 -10.31
N LEU F 94 -5.54 -30.33 -9.39
CA LEU F 94 -5.51 -29.24 -8.40
C LEU F 94 -5.27 -27.90 -9.08
N LEU F 95 -4.35 -27.86 -10.06
CA LEU F 95 -4.10 -26.61 -10.78
C LEU F 95 -5.32 -26.16 -11.56
N VAL F 96 -6.03 -27.09 -12.20
CA VAL F 96 -7.23 -26.74 -12.95
C VAL F 96 -8.30 -26.23 -11.99
N LEU F 97 -8.45 -26.87 -10.83
CA LEU F 97 -9.43 -26.42 -9.85
C LEU F 97 -9.10 -25.03 -9.34
N LEU F 98 -7.82 -24.77 -9.06
CA LEU F 98 -7.41 -23.44 -8.61
C LEU F 98 -7.66 -22.40 -9.69
N ASP F 99 -7.41 -22.76 -10.95
CA ASP F 99 -7.67 -21.86 -12.06
C ASP F 99 -9.16 -21.53 -12.16
N TYR F 100 -10.01 -22.54 -12.02
CA TYR F 100 -11.45 -22.32 -12.09
C TYR F 100 -11.93 -21.43 -10.95
N GLN F 101 -11.44 -21.67 -9.73
CA GLN F 101 -11.86 -20.89 -8.57
C GLN F 101 -11.30 -19.47 -8.59
N GLY F 102 -10.40 -19.15 -9.49
CA GLY F 102 -9.77 -17.85 -9.50
C GLY F 102 -8.62 -17.70 -8.52
N MET F 103 -8.01 -18.81 -8.10
CA MET F 103 -6.92 -18.79 -7.15
C MET F 103 -5.57 -18.56 -7.80
N LEU F 104 -5.49 -18.55 -9.13
CA LEU F 104 -4.24 -18.30 -9.84
C LEU F 104 -4.33 -16.98 -10.56
N PRO F 105 -3.72 -15.90 -10.06
CA PRO F 105 -3.81 -14.58 -10.71
C PRO F 105 -2.79 -14.38 -11.83
N VAL F 106 -3.09 -14.97 -12.97
CA VAL F 106 -2.22 -14.88 -14.13
C VAL F 106 -2.60 -13.66 -14.96
N CYS F 107 -1.59 -12.88 -15.35
CA CYS F 107 -1.81 -11.67 -16.11
C CYS F 107 -2.45 -11.96 -17.45
N PRO F 108 -3.39 -11.12 -17.89
CA PRO F 108 -4.05 -11.36 -19.17
C PRO F 108 -3.32 -10.74 -20.34
N LEU F 109 -2.02 -11.01 -20.45
CA LEU F 109 -1.18 -10.46 -21.51
C LEU F 109 -0.69 -11.60 -22.39
N ILE F 110 -0.80 -11.42 -23.70
CA ILE F 110 -0.36 -12.44 -24.65
C ILE F 110 0.97 -12.06 -25.26
N THR F 116 -3.12 -1.77 -25.20
CA THR F 116 -4.28 -2.64 -25.35
C THR F 116 -5.54 -1.95 -24.87
N SER F 117 -6.33 -2.65 -24.07
CA SER F 117 -7.58 -2.15 -23.53
C SER F 117 -7.45 -2.00 -22.02
N THR F 118 -7.43 -0.77 -21.53
CA THR F 118 -7.36 -0.52 -20.11
C THR F 118 -8.66 -0.96 -19.42
N GLY F 119 -8.52 -1.46 -18.20
CA GLY F 119 -9.65 -1.95 -17.46
C GLY F 119 -9.60 -1.56 -15.99
N PRO F 120 -10.65 -1.90 -15.25
CA PRO F 120 -10.71 -1.51 -13.84
C PRO F 120 -9.72 -2.28 -12.98
N CYS F 121 -9.27 -1.61 -11.93
CA CYS F 121 -8.41 -2.21 -10.91
C CYS F 121 -9.17 -2.15 -9.60
N ARG F 122 -9.77 -3.27 -9.22
CA ARG F 122 -10.66 -3.32 -8.07
C ARG F 122 -9.86 -3.32 -6.77
N THR F 123 -10.57 -3.12 -5.67
CA THR F 123 -9.93 -2.93 -4.38
C THR F 123 -9.18 -4.19 -3.94
N CYS F 124 -8.31 -4.02 -2.96
CA CYS F 124 -7.46 -5.08 -2.48
C CYS F 124 -8.21 -5.95 -1.47
N MET F 125 -8.09 -7.27 -1.62
CA MET F 125 -8.64 -8.23 -0.68
C MET F 125 -7.56 -9.22 -0.28
N THR F 126 -7.50 -9.55 1.00
CA THR F 126 -6.55 -10.55 1.45
C THR F 126 -7.04 -11.95 1.12
N THR F 127 -6.08 -12.87 1.01
CA THR F 127 -6.39 -14.26 0.72
C THR F 127 -6.87 -14.97 2.00
N ALA F 128 -7.17 -16.25 1.87
CA ALA F 128 -7.67 -17.01 3.01
C ALA F 128 -6.62 -17.09 4.12
N GLN F 129 -5.36 -17.33 3.76
CA GLN F 129 -4.27 -17.43 4.72
C GLN F 129 -3.18 -16.44 4.32
N GLY F 130 -3.00 -15.40 5.14
CA GLY F 130 -1.98 -14.42 4.89
C GLY F 130 -2.48 -12.99 4.95
N THR F 131 -1.57 -12.04 5.16
CA THR F 131 -1.89 -10.62 5.19
C THR F 131 -1.65 -9.93 3.86
N SER F 132 -1.23 -10.67 2.84
CA SER F 132 -0.94 -10.10 1.52
C SER F 132 -2.22 -10.01 0.70
N MET F 133 -2.38 -8.89 0.01
CA MET F 133 -3.57 -8.65 -0.79
C MET F 133 -3.53 -9.49 -2.07
N TYR F 134 -4.72 -9.77 -2.60
CA TYR F 134 -4.82 -10.51 -3.84
C TYR F 134 -4.84 -9.55 -5.03
N PRO F 135 -3.95 -9.72 -6.01
CA PRO F 135 -3.88 -8.75 -7.11
C PRO F 135 -5.14 -8.76 -7.95
N SER F 136 -5.47 -7.58 -8.51
CA SER F 136 -6.66 -7.41 -9.32
C SER F 136 -6.38 -6.83 -10.71
N CYS F 137 -5.19 -6.32 -10.97
CA CYS F 137 -4.85 -5.72 -12.25
C CYS F 137 -3.49 -6.22 -12.70
N CYS F 138 -3.12 -5.83 -13.92
CA CYS F 138 -1.83 -6.19 -14.51
C CYS F 138 -1.22 -4.95 -15.17
N CYS F 139 -1.16 -3.84 -14.43
CA CYS F 139 -0.65 -2.60 -14.98
C CYS F 139 0.76 -2.77 -15.51
N THR F 140 0.99 -2.26 -16.71
CA THR F 140 2.32 -2.29 -17.33
C THR F 140 2.48 -1.06 -18.21
N LYS F 141 3.61 -0.39 -18.09
CA LYS F 141 3.88 0.81 -18.85
C LYS F 141 5.18 0.66 -19.63
N PRO F 142 5.14 0.69 -20.96
CA PRO F 142 6.37 0.64 -21.75
C PRO F 142 7.20 1.90 -21.56
N SER F 143 8.40 1.88 -22.14
CA SER F 143 9.30 3.01 -22.02
C SER F 143 8.72 4.27 -22.65
N ASP F 144 8.08 4.12 -23.82
CA ASP F 144 7.47 5.24 -24.54
C ASP F 144 5.99 4.99 -24.78
N GLY F 145 5.31 4.36 -23.84
CA GLY F 145 3.90 4.06 -23.98
C GLY F 145 3.04 4.62 -22.87
N ASN F 146 1.84 4.08 -22.71
CA ASN F 146 0.88 4.53 -21.70
C ASN F 146 0.55 3.38 -20.76
N CYS F 147 -0.32 3.67 -19.80
CA CYS F 147 -0.81 2.66 -18.87
C CYS F 147 -1.70 1.67 -19.61
N THR F 148 -1.51 0.38 -19.32
CA THR F 148 -2.41 -0.67 -19.78
C THR F 148 -2.70 -1.57 -18.58
N CYS F 149 -3.70 -1.18 -17.77
CA CYS F 149 -4.09 -1.95 -16.59
C CYS F 149 -5.28 -2.82 -16.98
N ILE F 150 -4.99 -4.05 -17.37
CA ILE F 150 -6.05 -4.99 -17.75
C ILE F 150 -6.38 -5.86 -16.54
N PRO F 151 -7.64 -5.94 -16.14
CA PRO F 151 -7.98 -6.70 -14.92
C PRO F 151 -7.73 -8.19 -15.09
N ILE F 152 -7.33 -8.84 -14.01
CA ILE F 152 -7.08 -10.28 -13.99
C ILE F 152 -8.42 -11.00 -14.11
N PRO F 153 -8.57 -11.93 -15.07
CA PRO F 153 -9.83 -12.68 -15.15
C PRO F 153 -10.04 -13.53 -13.91
N SER F 154 -11.31 -13.70 -13.54
CA SER F 154 -11.68 -14.45 -12.35
C SER F 154 -12.05 -15.89 -12.65
N SER F 155 -12.73 -16.15 -13.78
CA SER F 155 -13.15 -17.50 -14.11
C SER F 155 -11.94 -18.42 -14.33
N TRP F 156 -11.17 -18.15 -15.38
CA TRP F 156 -9.97 -18.95 -15.70
C TRP F 156 -8.88 -17.98 -16.13
N ALA F 157 -8.08 -17.50 -15.18
CA ALA F 157 -7.00 -16.59 -15.52
C ALA F 157 -5.90 -17.31 -16.30
N PHE F 158 -5.46 -18.46 -15.79
CA PHE F 158 -4.38 -19.19 -16.44
C PHE F 158 -4.84 -19.78 -17.77
N GLY F 159 -6.06 -20.32 -17.81
CA GLY F 159 -6.56 -20.86 -19.07
C GLY F 159 -6.71 -19.81 -20.14
N LYS F 160 -7.29 -18.66 -19.78
CA LYS F 160 -7.42 -17.57 -20.74
C LYS F 160 -6.07 -17.07 -21.19
N PHE F 161 -5.11 -16.94 -20.26
CA PHE F 161 -3.78 -16.51 -20.67
C PHE F 161 -3.14 -17.49 -21.64
N LEU F 162 -3.27 -18.80 -21.38
CA LEU F 162 -2.68 -19.78 -22.28
C LEU F 162 -3.36 -19.75 -23.64
N TRP F 163 -4.69 -19.60 -23.67
CA TRP F 163 -5.39 -19.52 -24.94
C TRP F 163 -4.96 -18.28 -25.73
N GLU F 164 -4.81 -17.14 -25.06
CA GLU F 164 -4.36 -15.94 -25.74
C GLU F 164 -2.93 -16.10 -26.25
N TRP F 165 -2.06 -16.72 -25.44
CA TRP F 165 -0.68 -16.95 -25.86
C TRP F 165 -0.62 -17.85 -27.08
N ALA F 166 -1.42 -18.92 -27.11
CA ALA F 166 -1.44 -19.81 -28.26
C ALA F 166 -2.02 -19.11 -29.49
N SER F 167 -3.06 -18.31 -29.29
CA SER F 167 -3.70 -17.62 -30.42
C SER F 167 -2.85 -16.50 -30.98
N ALA F 168 -1.84 -16.04 -30.24
CA ALA F 168 -0.97 -14.97 -30.72
C ALA F 168 0.42 -15.52 -31.04
#